data_2EGZ
#
_entry.id   2EGZ
#
_cell.length_a   52.937
_cell.length_b   67.614
_cell.length_c   60.238
_cell.angle_alpha   90.00
_cell.angle_beta   99.20
_cell.angle_gamma   90.00
#
_symmetry.space_group_name_H-M   'P 1 21 1'
#
loop_
_entity.id
_entity.type
_entity.pdbx_description
1 polymer '3-dehydroquinate dehydratase'
2 non-polymer 'L(+)-TARTARIC ACID'
3 water water
#
_entity_poly.entity_id   1
_entity_poly.type   'polypeptide(L)'
_entity_poly.pdbx_seq_one_letter_code
;MLIAVPLDDTNFSENLKKAKEKGADIVELRVDQFSDTSLNYVKEKLEEVHSQGLKTILTIRSPEEGGREVKNREELFEEL
SPLSDYTDIELSSRGLLVKLYNITKEAGKKLIISYHNFELTPPNWIIREVLREGYRYGGIPKIAVKANSYEDVARLLCIS
RQVEGEKILISMGDYGKISRLAGYVFGSVITYCSLEKAFAPGQIPLEEMVELRKKFYRL
;
_entity_poly.pdbx_strand_id   A,C
#
loop_
_chem_comp.id
_chem_comp.type
_chem_comp.name
_chem_comp.formula
TLA non-polymer 'L(+)-TARTARIC ACID' 'C4 H6 O6'
#
# COMPACT_ATOMS: atom_id res chain seq x y z
N MET A 1 -16.12 -5.32 -22.05
CA MET A 1 -15.33 -4.19 -21.50
C MET A 1 -13.90 -4.63 -21.21
N LEU A 2 -13.01 -3.64 -21.10
CA LEU A 2 -11.62 -3.91 -20.79
C LEU A 2 -11.51 -3.89 -19.27
N ILE A 3 -10.54 -4.62 -18.74
CA ILE A 3 -10.35 -4.66 -17.29
C ILE A 3 -9.03 -4.01 -16.91
N ALA A 4 -9.10 -3.03 -16.03
CA ALA A 4 -7.91 -2.33 -15.56
C ALA A 4 -7.67 -2.61 -14.08
N VAL A 5 -6.41 -2.66 -13.68
CA VAL A 5 -6.05 -2.89 -12.29
C VAL A 5 -5.14 -1.76 -11.86
N PRO A 6 -5.55 -0.98 -10.86
CA PRO A 6 -4.69 0.11 -10.42
C PRO A 6 -3.59 -0.44 -9.52
N LEU A 7 -2.38 0.10 -9.66
CA LEU A 7 -1.26 -0.34 -8.83
C LEU A 7 -0.43 0.84 -8.40
N ASP A 8 0.14 0.73 -7.19
CA ASP A 8 1.05 1.77 -6.71
C ASP A 8 2.41 1.16 -7.03
N ASP A 9 3.47 1.68 -6.44
CA ASP A 9 4.81 1.16 -6.74
C ASP A 9 5.27 -0.01 -5.87
N THR A 10 4.42 -0.46 -4.95
CA THR A 10 4.77 -1.56 -4.05
C THR A 10 4.78 -2.92 -4.77
N ASN A 11 5.91 -3.62 -4.71
CA ASN A 11 6.04 -4.95 -5.33
C ASN A 11 5.48 -4.91 -6.75
N PHE A 12 5.82 -3.84 -7.47
CA PHE A 12 5.33 -3.65 -8.83
C PHE A 12 5.50 -4.83 -9.78
N SER A 13 6.75 -5.23 -10.02
CA SER A 13 7.02 -6.33 -10.94
C SER A 13 6.22 -7.61 -10.64
N GLU A 14 6.18 -8.01 -9.37
CA GLU A 14 5.43 -9.20 -8.98
C GLU A 14 3.93 -9.01 -9.23
N ASN A 15 3.43 -7.82 -8.91
CA ASN A 15 2.02 -7.51 -9.10
C ASN A 15 1.68 -7.49 -10.59
N LEU A 16 2.53 -6.88 -11.39
CA LEU A 16 2.31 -6.80 -12.83
C LEU A 16 2.23 -8.20 -13.42
N LYS A 17 3.13 -9.07 -13.01
CA LYS A 17 3.13 -10.45 -13.49
C LYS A 17 1.79 -11.13 -13.22
N LYS A 18 1.27 -10.94 -12.02
CA LYS A 18 0.00 -11.54 -11.66
C LYS A 18 -1.11 -10.94 -12.50
N ALA A 19 -1.06 -9.61 -12.69
CA ALA A 19 -2.07 -8.93 -13.49
C ALA A 19 -2.09 -9.50 -14.90
N LYS A 20 -0.91 -9.69 -15.48
CA LYS A 20 -0.82 -10.25 -16.83
C LYS A 20 -1.37 -11.68 -16.87
N GLU A 21 -0.89 -12.51 -15.95
CA GLU A 21 -1.30 -13.91 -15.90
C GLU A 21 -2.78 -14.12 -15.58
N LYS A 22 -3.37 -13.20 -14.81
CA LYS A 22 -4.79 -13.31 -14.44
C LYS A 22 -5.71 -12.83 -15.55
N GLY A 23 -5.20 -12.03 -16.47
CA GLY A 23 -6.05 -11.56 -17.56
C GLY A 23 -6.42 -10.10 -17.61
N ALA A 24 -5.67 -9.24 -16.92
CA ALA A 24 -5.98 -7.81 -16.95
C ALA A 24 -5.61 -7.29 -18.34
N ASP A 25 -6.33 -6.27 -18.80
CA ASP A 25 -6.06 -5.68 -20.11
C ASP A 25 -5.20 -4.45 -19.91
N ILE A 26 -5.46 -3.75 -18.81
CA ILE A 26 -4.79 -2.51 -18.48
C ILE A 26 -4.27 -2.45 -17.05
N VAL A 27 -3.18 -1.73 -16.86
CA VAL A 27 -2.63 -1.49 -15.54
C VAL A 27 -2.67 0.03 -15.42
N GLU A 28 -3.35 0.53 -14.39
CA GLU A 28 -3.40 1.96 -14.16
C GLU A 28 -2.34 2.31 -13.14
N LEU A 29 -1.38 3.13 -13.54
CA LEU A 29 -0.32 3.53 -12.62
C LEU A 29 -0.85 4.68 -11.76
N ARG A 30 -1.06 4.42 -10.48
CA ARG A 30 -1.51 5.47 -9.57
C ARG A 30 -0.27 6.16 -9.02
N VAL A 31 0.34 6.99 -9.87
CA VAL A 31 1.55 7.71 -9.54
C VAL A 31 1.42 8.54 -8.26
N ASP A 32 0.23 9.04 -7.98
CA ASP A 32 0.02 9.83 -6.78
C ASP A 32 0.24 8.96 -5.54
N GLN A 33 0.18 7.65 -5.74
CA GLN A 33 0.39 6.70 -4.65
C GLN A 33 1.83 6.18 -4.59
N PHE A 34 2.67 6.67 -5.50
CA PHE A 34 4.07 6.27 -5.57
C PHE A 34 4.89 7.03 -4.53
N SER A 35 6.03 6.46 -4.15
CA SER A 35 6.91 7.12 -3.18
C SER A 35 7.88 8.00 -3.96
N ASP A 36 8.21 7.57 -5.17
CA ASP A 36 9.12 8.30 -6.05
C ASP A 36 8.34 8.60 -7.33
N THR A 37 8.25 9.88 -7.69
CA THR A 37 7.52 10.25 -8.89
C THR A 37 8.44 10.85 -9.96
N SER A 38 9.74 10.59 -9.84
CA SER A 38 10.69 11.11 -10.82
C SER A 38 10.40 10.51 -12.19
N LEU A 39 10.68 11.29 -13.24
CA LEU A 39 10.44 10.85 -14.60
C LEU A 39 10.97 9.46 -14.93
N ASN A 40 12.17 9.12 -14.45
CA ASN A 40 12.76 7.82 -14.73
C ASN A 40 12.13 6.65 -14.00
N TYR A 41 11.81 6.85 -12.72
CA TYR A 41 11.20 5.80 -11.93
C TYR A 41 9.84 5.44 -12.52
N VAL A 42 9.08 6.46 -12.90
CA VAL A 42 7.75 6.22 -13.48
C VAL A 42 7.84 5.69 -14.91
N LYS A 43 8.73 6.26 -15.71
CA LYS A 43 8.88 5.82 -17.10
C LYS A 43 9.20 4.33 -17.15
N GLU A 44 10.06 3.88 -16.25
CA GLU A 44 10.47 2.48 -16.21
C GLU A 44 9.28 1.58 -15.87
N LYS A 45 8.41 2.04 -14.98
CA LYS A 45 7.23 1.29 -14.61
C LYS A 45 6.29 1.20 -15.82
N LEU A 46 6.16 2.31 -16.54
CA LEU A 46 5.31 2.34 -17.73
C LEU A 46 5.83 1.35 -18.76
N GLU A 47 7.15 1.31 -18.94
CA GLU A 47 7.77 0.40 -19.90
C GLU A 47 7.54 -1.04 -19.47
N GLU A 48 7.62 -1.31 -18.16
CA GLU A 48 7.40 -2.66 -17.66
C GLU A 48 6.01 -3.16 -18.04
N VAL A 49 5.01 -2.31 -17.90
CA VAL A 49 3.66 -2.74 -18.24
C VAL A 49 3.62 -3.14 -19.71
N HIS A 50 4.16 -2.27 -20.57
CA HIS A 50 4.18 -2.57 -22.00
C HIS A 50 4.97 -3.84 -22.31
N SER A 51 6.03 -4.08 -21.55
CA SER A 51 6.87 -5.27 -21.75
C SER A 51 6.11 -6.56 -21.46
N GLN A 52 5.02 -6.45 -20.71
CA GLN A 52 4.21 -7.62 -20.39
C GLN A 52 3.01 -7.69 -21.34
N GLY A 53 3.02 -6.82 -22.35
CA GLY A 53 1.96 -6.80 -23.34
C GLY A 53 0.63 -6.18 -22.93
N LEU A 54 0.64 -5.39 -21.86
CA LEU A 54 -0.58 -4.75 -21.38
C LEU A 54 -0.58 -3.26 -21.70
N LYS A 55 -1.76 -2.66 -21.63
CA LYS A 55 -1.89 -1.23 -21.88
C LYS A 55 -1.79 -0.49 -20.55
N THR A 56 -1.51 0.81 -20.60
CA THR A 56 -1.37 1.58 -19.37
C THR A 56 -2.30 2.79 -19.30
N ILE A 57 -2.63 3.18 -18.08
CA ILE A 57 -3.40 4.39 -17.84
C ILE A 57 -2.48 5.16 -16.90
N LEU A 58 -2.12 6.37 -17.30
CA LEU A 58 -1.26 7.21 -16.46
C LEU A 58 -2.16 8.13 -15.65
N THR A 59 -2.17 7.93 -14.34
CA THR A 59 -2.99 8.73 -13.43
C THR A 59 -2.12 9.38 -12.35
N ILE A 60 -2.32 10.69 -12.15
CA ILE A 60 -1.56 11.41 -11.13
C ILE A 60 -2.60 12.20 -10.36
N ARG A 61 -3.49 11.47 -9.69
CA ARG A 61 -4.61 12.04 -8.95
C ARG A 61 -4.33 13.27 -8.10
N SER A 62 -5.12 14.31 -8.32
CA SER A 62 -4.98 15.56 -7.59
C SER A 62 -5.50 15.36 -6.17
N PRO A 63 -4.98 16.13 -5.20
CA PRO A 63 -5.47 15.97 -3.83
C PRO A 63 -6.95 16.31 -3.69
N GLU A 64 -7.46 17.12 -4.63
CA GLU A 64 -8.85 17.53 -4.61
C GLU A 64 -9.78 16.34 -4.82
N GLU A 65 -9.29 15.30 -5.50
CA GLU A 65 -10.14 14.15 -5.76
C GLU A 65 -9.60 12.83 -5.20
N GLY A 66 -9.01 12.89 -4.00
CA GLY A 66 -8.50 11.69 -3.37
C GLY A 66 -7.04 11.33 -3.59
N GLY A 67 -6.30 12.20 -4.25
CA GLY A 67 -4.89 11.92 -4.49
C GLY A 67 -4.02 12.77 -3.58
N ARG A 68 -2.84 13.14 -4.07
CA ARG A 68 -1.93 13.98 -3.29
C ARG A 68 -1.12 14.82 -4.24
N GLU A 69 -0.48 15.85 -3.71
CA GLU A 69 0.31 16.74 -4.55
C GLU A 69 1.56 16.07 -5.12
N VAL A 70 1.76 16.25 -6.42
CA VAL A 70 2.91 15.70 -7.11
C VAL A 70 3.57 16.87 -7.81
N LYS A 71 4.70 17.29 -7.25
CA LYS A 71 5.45 18.43 -7.75
C LYS A 71 5.78 18.42 -9.23
N ASN A 72 6.20 17.27 -9.76
CA ASN A 72 6.54 17.20 -11.18
C ASN A 72 5.41 16.59 -12.00
N ARG A 73 4.18 16.86 -11.58
CA ARG A 73 3.01 16.34 -12.27
C ARG A 73 3.02 16.72 -13.75
N GLU A 74 3.22 18.00 -14.05
CA GLU A 74 3.21 18.44 -15.44
C GLU A 74 4.32 17.80 -16.27
N GLU A 75 5.50 17.65 -15.68
CA GLU A 75 6.61 17.03 -16.38
C GLU A 75 6.19 15.64 -16.82
N LEU A 76 5.63 14.88 -15.86
CA LEU A 76 5.19 13.51 -16.13
C LEU A 76 4.21 13.41 -17.28
N PHE A 77 3.21 14.27 -17.31
CA PHE A 77 2.24 14.24 -18.40
C PHE A 77 2.94 14.60 -19.71
N GLU A 78 3.76 15.64 -19.67
CA GLU A 78 4.48 16.10 -20.86
C GLU A 78 5.36 15.01 -21.44
N GLU A 79 6.08 14.32 -20.57
CA GLU A 79 7.01 13.28 -21.00
C GLU A 79 6.42 11.89 -21.18
N LEU A 80 5.42 11.56 -20.37
CA LEU A 80 4.86 10.21 -20.44
C LEU A 80 3.49 10.04 -21.09
N SER A 81 2.70 11.11 -21.19
CA SER A 81 1.40 10.95 -21.82
C SER A 81 1.51 10.54 -23.29
N PRO A 82 2.62 10.88 -23.95
CA PRO A 82 2.70 10.47 -25.36
C PRO A 82 3.02 8.98 -25.48
N LEU A 83 3.43 8.38 -24.37
CA LEU A 83 3.81 6.98 -24.34
C LEU A 83 2.75 6.05 -23.74
N SER A 84 1.93 6.59 -22.85
CA SER A 84 0.89 5.80 -22.20
C SER A 84 -0.35 5.68 -23.09
N ASP A 85 -0.97 4.50 -23.10
CA ASP A 85 -2.16 4.28 -23.93
C ASP A 85 -3.27 5.24 -23.56
N TYR A 86 -3.42 5.47 -22.25
CA TYR A 86 -4.41 6.40 -21.72
C TYR A 86 -3.76 7.28 -20.67
N THR A 87 -4.32 8.47 -20.50
CA THR A 87 -3.89 9.39 -19.46
C THR A 87 -5.20 9.81 -18.82
N ASP A 88 -5.27 9.75 -17.49
CA ASP A 88 -6.48 10.13 -16.76
C ASP A 88 -6.22 11.46 -16.06
N ILE A 89 -6.99 12.48 -16.41
CA ILE A 89 -6.87 13.81 -15.81
C ILE A 89 -8.25 14.18 -15.24
N GLU A 90 -8.26 14.87 -14.10
CA GLU A 90 -9.52 15.25 -13.48
C GLU A 90 -10.17 16.43 -14.20
N LEU A 91 -11.49 16.36 -14.40
CA LEU A 91 -12.19 17.46 -15.05
C LEU A 91 -11.93 18.75 -14.25
N SER A 92 -11.81 18.61 -12.93
CA SER A 92 -11.58 19.75 -12.07
C SER A 92 -10.19 20.37 -12.27
N SER A 93 -9.28 19.64 -12.90
CA SER A 93 -7.94 20.15 -13.17
C SER A 93 -8.05 20.87 -14.52
N ARG A 94 -8.98 21.82 -14.58
CA ARG A 94 -9.27 22.59 -15.80
C ARG A 94 -8.07 23.18 -16.51
N GLY A 95 -7.07 23.63 -15.74
CA GLY A 95 -5.90 24.24 -16.35
C GLY A 95 -5.03 23.33 -17.19
N LEU A 96 -5.21 22.02 -17.07
CA LEU A 96 -4.40 21.07 -17.83
C LEU A 96 -5.14 20.32 -18.93
N LEU A 97 -6.45 20.52 -19.02
CA LEU A 97 -7.25 19.79 -20.01
C LEU A 97 -6.87 20.00 -21.48
N VAL A 98 -6.80 21.25 -21.92
CA VAL A 98 -6.46 21.50 -23.32
C VAL A 98 -5.06 20.98 -23.62
N LYS A 99 -4.13 21.22 -22.70
CA LYS A 99 -2.75 20.77 -22.87
C LYS A 99 -2.65 19.25 -22.99
N LEU A 100 -3.32 18.54 -22.10
CA LEU A 100 -3.27 17.08 -22.12
C LEU A 100 -3.97 16.50 -23.34
N TYR A 101 -5.03 17.15 -23.80
CA TYR A 101 -5.72 16.68 -24.99
C TYR A 101 -4.76 16.79 -26.17
N ASN A 102 -4.12 17.95 -26.30
CA ASN A 102 -3.20 18.15 -27.40
C ASN A 102 -2.04 17.16 -27.36
N ILE A 103 -1.50 16.91 -26.17
CA ILE A 103 -0.40 15.95 -26.04
C ILE A 103 -0.83 14.53 -26.43
N THR A 104 -1.97 14.09 -25.92
CA THR A 104 -2.45 12.73 -26.24
C THR A 104 -2.90 12.57 -27.70
N LYS A 105 -3.60 13.56 -28.22
CA LYS A 105 -4.07 13.50 -29.60
C LYS A 105 -2.90 13.43 -30.58
N GLU A 106 -1.91 14.30 -30.39
CA GLU A 106 -0.74 14.34 -31.26
C GLU A 106 0.00 12.99 -31.24
N ALA A 107 -0.05 12.29 -30.11
CA ALA A 107 0.62 11.01 -29.97
C ALA A 107 -0.24 9.79 -30.27
N GLY A 108 -1.49 10.00 -30.67
CA GLY A 108 -2.36 8.88 -30.98
C GLY A 108 -2.81 8.11 -29.74
N LYS A 109 -2.87 8.82 -28.61
CA LYS A 109 -3.26 8.21 -27.35
C LYS A 109 -4.64 8.71 -26.92
N LYS A 110 -5.19 8.11 -25.86
CA LYS A 110 -6.51 8.48 -25.38
C LYS A 110 -6.48 9.22 -24.04
N LEU A 111 -7.40 10.17 -23.88
CA LEU A 111 -7.49 10.94 -22.66
C LEU A 111 -8.79 10.61 -21.92
N ILE A 112 -8.66 10.31 -20.63
CA ILE A 112 -9.80 10.02 -19.77
C ILE A 112 -9.95 11.27 -18.90
N ILE A 113 -11.15 11.83 -18.85
CA ILE A 113 -11.39 13.02 -18.03
C ILE A 113 -12.33 12.57 -16.94
N SER A 114 -11.79 12.49 -15.72
CA SER A 114 -12.53 11.98 -14.57
C SER A 114 -13.15 12.90 -13.53
N TYR A 115 -14.11 12.33 -12.80
CA TYR A 115 -14.83 13.01 -11.74
C TYR A 115 -15.02 11.98 -10.63
N HIS A 116 -14.66 12.34 -9.41
CA HIS A 116 -14.82 11.42 -8.28
C HIS A 116 -15.58 12.07 -7.14
N ASN A 117 -16.54 11.33 -6.58
CA ASN A 117 -17.31 11.83 -5.44
C ASN A 117 -17.41 10.65 -4.50
N PHE A 118 -16.61 10.67 -3.43
CA PHE A 118 -16.58 9.57 -2.47
C PHE A 118 -17.71 9.60 -1.44
N GLU A 119 -18.57 10.61 -1.50
CA GLU A 119 -19.66 10.71 -0.55
C GLU A 119 -21.03 10.32 -1.06
N LEU A 120 -21.31 10.65 -2.32
CA LEU A 120 -22.61 10.36 -2.88
C LEU A 120 -22.65 10.40 -4.41
N THR A 121 -23.82 10.07 -4.95
CA THR A 121 -24.08 10.09 -6.38
C THR A 121 -24.80 11.43 -6.58
N PRO A 122 -24.13 12.37 -7.27
CA PRO A 122 -24.70 13.70 -7.52
C PRO A 122 -25.99 13.74 -8.33
N PRO A 123 -26.64 14.92 -8.35
CA PRO A 123 -27.89 15.13 -9.07
C PRO A 123 -27.70 14.80 -10.56
N ASN A 124 -28.80 14.47 -11.23
CA ASN A 124 -28.72 14.12 -12.64
C ASN A 124 -28.09 15.21 -13.52
N TRP A 125 -28.40 16.47 -13.26
CA TRP A 125 -27.84 17.52 -14.09
C TRP A 125 -26.30 17.57 -13.99
N ILE A 126 -25.77 17.17 -12.84
CA ILE A 126 -24.32 17.17 -12.64
C ILE A 126 -23.70 16.00 -13.39
N ILE A 127 -24.37 14.85 -13.32
CA ILE A 127 -23.88 13.67 -14.04
C ILE A 127 -23.82 14.00 -15.54
N ARG A 128 -24.88 14.60 -16.07
CA ARG A 128 -24.92 14.93 -17.49
C ARG A 128 -23.86 15.98 -17.87
N GLU A 129 -23.69 16.99 -17.02
CA GLU A 129 -22.71 18.04 -17.30
C GLU A 129 -21.29 17.49 -17.29
N VAL A 130 -21.01 16.56 -16.39
CA VAL A 130 -19.67 15.98 -16.34
C VAL A 130 -19.40 15.20 -17.62
N LEU A 131 -20.39 14.48 -18.10
CA LEU A 131 -20.23 13.72 -19.34
C LEU A 131 -20.07 14.69 -20.51
N ARG A 132 -20.91 15.71 -20.56
CA ARG A 132 -20.84 16.67 -21.66
C ARG A 132 -19.50 17.40 -21.71
N GLU A 133 -19.01 17.84 -20.56
CA GLU A 133 -17.74 18.53 -20.49
C GLU A 133 -16.60 17.62 -20.90
N GLY A 134 -16.64 16.37 -20.44
CA GLY A 134 -15.59 15.43 -20.82
C GLY A 134 -15.49 15.32 -22.33
N TYR A 135 -16.64 15.17 -22.99
CA TYR A 135 -16.65 15.06 -24.45
C TYR A 135 -16.19 16.37 -25.08
N ARG A 136 -16.60 17.49 -24.50
CA ARG A 136 -16.22 18.80 -25.03
C ARG A 136 -14.71 18.99 -25.05
N TYR A 137 -14.03 18.41 -24.06
CA TYR A 137 -12.58 18.53 -23.99
C TYR A 137 -11.87 17.40 -24.75
N GLY A 138 -12.65 16.62 -25.48
CA GLY A 138 -12.11 15.53 -26.29
C GLY A 138 -11.69 14.26 -25.58
N GLY A 139 -12.24 14.02 -24.40
CA GLY A 139 -11.86 12.80 -23.69
C GLY A 139 -12.98 11.80 -23.45
N ILE A 140 -12.62 10.69 -22.80
CA ILE A 140 -13.56 9.65 -22.43
C ILE A 140 -13.94 10.04 -21.01
N PRO A 141 -15.18 10.51 -20.81
CA PRO A 141 -15.54 10.90 -19.44
C PRO A 141 -15.65 9.71 -18.48
N LYS A 142 -15.15 9.90 -17.27
CA LYS A 142 -15.20 8.85 -16.26
C LYS A 142 -15.88 9.39 -15.02
N ILE A 143 -16.88 8.69 -14.53
CA ILE A 143 -17.59 9.10 -13.33
C ILE A 143 -17.48 7.95 -12.33
N ALA A 144 -16.89 8.24 -11.18
CA ALA A 144 -16.72 7.26 -10.11
C ALA A 144 -17.36 7.92 -8.90
N VAL A 145 -18.53 7.43 -8.51
CA VAL A 145 -19.25 8.03 -7.39
C VAL A 145 -19.82 6.99 -6.43
N LYS A 146 -19.89 7.36 -5.16
CA LYS A 146 -20.40 6.47 -4.13
C LYS A 146 -21.91 6.30 -4.22
N ALA A 147 -22.37 5.05 -4.25
CA ALA A 147 -23.79 4.75 -4.29
C ALA A 147 -24.23 4.47 -2.86
N ASN A 148 -25.29 5.11 -2.42
CA ASN A 148 -25.80 4.90 -1.06
C ASN A 148 -27.11 4.14 -1.07
N SER A 149 -27.40 3.51 -2.20
CA SER A 149 -28.61 2.72 -2.39
C SER A 149 -28.54 2.12 -3.79
N TYR A 150 -29.37 1.12 -4.05
CA TYR A 150 -29.40 0.51 -5.37
C TYR A 150 -30.00 1.50 -6.35
N GLU A 151 -30.88 2.36 -5.85
CA GLU A 151 -31.51 3.38 -6.67
C GLU A 151 -30.43 4.26 -7.30
N ASP A 152 -29.43 4.63 -6.50
CA ASP A 152 -28.32 5.45 -6.98
C ASP A 152 -27.59 4.77 -8.14
N VAL A 153 -27.49 3.45 -8.09
CA VAL A 153 -26.80 2.72 -9.14
C VAL A 153 -27.59 2.77 -10.43
N ALA A 154 -28.89 2.46 -10.33
CA ALA A 154 -29.73 2.49 -11.51
C ALA A 154 -29.74 3.89 -12.10
N ARG A 155 -29.82 4.90 -11.23
CA ARG A 155 -29.86 6.27 -11.68
C ARG A 155 -28.59 6.68 -12.44
N LEU A 156 -27.43 6.38 -11.87
CA LEU A 156 -26.17 6.74 -12.55
C LEU A 156 -26.12 6.09 -13.94
N LEU A 157 -26.47 4.81 -14.00
CA LEU A 157 -26.43 4.10 -15.27
C LEU A 157 -27.44 4.59 -16.30
N CYS A 158 -28.66 4.88 -15.87
CA CYS A 158 -29.70 5.33 -16.80
C CYS A 158 -29.52 6.78 -17.26
N ILE A 159 -29.15 7.68 -16.37
CA ILE A 159 -28.96 9.06 -16.76
C ILE A 159 -27.77 9.19 -17.72
N SER A 160 -26.74 8.37 -17.52
CA SER A 160 -25.58 8.42 -18.38
C SER A 160 -25.94 8.19 -19.85
N ARG A 161 -27.00 7.41 -20.09
CA ARG A 161 -27.45 7.12 -21.45
C ARG A 161 -27.88 8.38 -22.20
N GLN A 162 -28.22 9.43 -21.46
CA GLN A 162 -28.68 10.66 -22.08
C GLN A 162 -27.58 11.45 -22.77
N VAL A 163 -26.33 11.08 -22.51
CA VAL A 163 -25.20 11.74 -23.14
C VAL A 163 -24.44 10.59 -23.82
N GLU A 164 -24.70 10.40 -25.11
CA GLU A 164 -24.09 9.32 -25.88
C GLU A 164 -22.60 9.36 -26.13
N GLY A 165 -21.99 8.19 -26.18
CA GLY A 165 -20.57 8.09 -26.43
C GLY A 165 -19.86 7.18 -25.45
N GLU A 166 -18.60 6.84 -25.75
CA GLU A 166 -17.85 5.99 -24.85
C GLU A 166 -17.67 6.72 -23.54
N LYS A 167 -17.71 5.99 -22.44
CA LYS A 167 -17.58 6.59 -21.12
C LYS A 167 -17.17 5.50 -20.13
N ILE A 168 -16.91 5.91 -18.89
CA ILE A 168 -16.54 4.97 -17.84
C ILE A 168 -17.44 5.33 -16.66
N LEU A 169 -18.19 4.35 -16.18
CA LEU A 169 -19.15 4.56 -15.10
C LEU A 169 -18.90 3.60 -13.96
N ILE A 170 -18.71 4.13 -12.77
CA ILE A 170 -18.47 3.28 -11.61
C ILE A 170 -19.26 3.76 -10.41
N SER A 171 -20.09 2.88 -9.85
CA SER A 171 -20.82 3.20 -8.64
C SER A 171 -19.96 2.52 -7.58
N MET A 172 -19.30 3.32 -6.73
CA MET A 172 -18.43 2.77 -5.68
C MET A 172 -19.24 2.31 -4.47
N GLY A 173 -18.65 1.45 -3.65
CA GLY A 173 -19.34 0.96 -2.47
C GLY A 173 -20.04 -0.37 -2.68
N ASP A 174 -20.48 -1.00 -1.59
CA ASP A 174 -21.17 -2.29 -1.68
C ASP A 174 -22.37 -2.27 -2.63
N TYR A 175 -23.20 -1.23 -2.52
CA TYR A 175 -24.37 -1.12 -3.40
C TYR A 175 -24.00 -1.11 -4.87
N GLY A 176 -22.93 -0.41 -5.21
CA GLY A 176 -22.52 -0.29 -6.61
C GLY A 176 -21.74 -1.43 -7.22
N LYS A 177 -21.50 -2.49 -6.47
CA LYS A 177 -20.72 -3.62 -6.98
C LYS A 177 -21.20 -4.09 -8.36
N ILE A 178 -22.51 -4.23 -8.52
CA ILE A 178 -23.08 -4.69 -9.78
C ILE A 178 -22.70 -3.80 -10.98
N SER A 179 -22.46 -2.51 -10.73
CA SER A 179 -22.11 -1.58 -11.81
C SER A 179 -20.77 -1.94 -12.44
N ARG A 180 -19.92 -2.62 -11.69
CA ARG A 180 -18.60 -2.99 -12.19
C ARG A 180 -18.70 -4.07 -13.27
N LEU A 181 -19.81 -4.80 -13.28
CA LEU A 181 -20.02 -5.87 -14.25
C LEU A 181 -21.05 -5.48 -15.32
N ALA A 182 -22.08 -4.76 -14.90
CA ALA A 182 -23.17 -4.36 -15.78
C ALA A 182 -22.98 -3.02 -16.50
N GLY A 183 -22.00 -2.25 -16.08
CA GLY A 183 -21.77 -0.95 -16.70
C GLY A 183 -21.57 -1.02 -18.21
N TYR A 184 -20.94 -2.10 -18.66
CA TYR A 184 -20.66 -2.28 -20.08
C TYR A 184 -21.89 -2.12 -20.97
N VAL A 185 -23.02 -2.68 -20.58
CA VAL A 185 -24.22 -2.57 -21.41
C VAL A 185 -24.72 -1.13 -21.50
N PHE A 186 -24.27 -0.29 -20.57
CA PHE A 186 -24.65 1.11 -20.56
C PHE A 186 -23.59 1.98 -21.22
N GLY A 187 -22.58 1.34 -21.81
CA GLY A 187 -21.53 2.07 -22.51
C GLY A 187 -20.22 2.27 -21.76
N SER A 188 -20.08 1.69 -20.57
CA SER A 188 -18.84 1.85 -19.81
C SER A 188 -17.80 0.93 -20.42
N VAL A 189 -16.75 1.51 -20.98
CA VAL A 189 -15.70 0.76 -21.67
C VAL A 189 -14.60 0.10 -20.87
N ILE A 190 -14.42 0.53 -19.63
CA ILE A 190 -13.38 -0.04 -18.78
C ILE A 190 -13.93 -0.26 -17.37
N THR A 191 -13.59 -1.39 -16.75
CA THR A 191 -14.02 -1.64 -15.38
C THR A 191 -12.73 -1.79 -14.57
N TYR A 192 -12.75 -1.39 -13.30
CA TYR A 192 -11.55 -1.46 -12.47
C TYR A 192 -11.66 -2.53 -11.40
N CYS A 193 -10.59 -3.30 -11.24
CA CYS A 193 -10.54 -4.39 -10.26
C CYS A 193 -9.33 -4.31 -9.36
N SER A 194 -9.40 -5.01 -8.23
CA SER A 194 -8.28 -5.07 -7.30
C SER A 194 -7.49 -6.26 -7.82
N LEU A 195 -6.19 -6.30 -7.56
CA LEU A 195 -5.38 -7.42 -8.03
C LEU A 195 -5.79 -8.74 -7.39
N GLU A 196 -5.85 -8.74 -6.05
CA GLU A 196 -6.21 -9.91 -5.28
C GLU A 196 -7.43 -9.62 -4.40
N ALA A 200 -11.46 -2.65 -0.49
CA ALA A 200 -12.55 -1.82 -0.02
C ALA A 200 -13.90 -2.35 -0.49
N PRO A 201 -14.98 -2.02 0.23
CA PRO A 201 -16.35 -2.44 -0.09
C PRO A 201 -16.73 -2.22 -1.55
N GLY A 202 -17.21 -3.28 -2.20
CA GLY A 202 -17.63 -3.16 -3.59
C GLY A 202 -16.61 -3.55 -4.64
N GLN A 203 -15.34 -3.64 -4.26
CA GLN A 203 -14.31 -4.01 -5.24
C GLN A 203 -14.44 -5.47 -5.62
N ILE A 204 -13.91 -5.82 -6.79
CA ILE A 204 -13.96 -7.19 -7.28
C ILE A 204 -12.56 -7.59 -7.73
N PRO A 205 -12.08 -8.77 -7.30
CA PRO A 205 -10.75 -9.25 -7.68
C PRO A 205 -10.67 -9.52 -9.18
N LEU A 206 -9.50 -9.26 -9.73
CA LEU A 206 -9.24 -9.45 -11.16
C LEU A 206 -9.70 -10.81 -11.67
N GLU A 207 -9.25 -11.88 -11.01
CA GLU A 207 -9.60 -13.24 -11.42
C GLU A 207 -11.11 -13.43 -11.52
N GLU A 208 -11.85 -12.93 -10.54
CA GLU A 208 -13.30 -13.04 -10.56
C GLU A 208 -13.93 -12.27 -11.71
N MET A 209 -13.47 -11.04 -11.96
CA MET A 209 -14.05 -10.25 -13.04
C MET A 209 -13.76 -10.87 -14.42
N VAL A 210 -12.58 -11.46 -14.60
CA VAL A 210 -12.26 -12.08 -15.88
C VAL A 210 -13.25 -13.20 -16.17
N GLU A 211 -13.61 -13.96 -15.13
CA GLU A 211 -14.57 -15.05 -15.26
C GLU A 211 -15.98 -14.50 -15.51
N LEU A 212 -16.36 -13.47 -14.76
CA LEU A 212 -17.68 -12.86 -14.90
C LEU A 212 -17.89 -12.28 -16.29
N ARG A 213 -16.86 -11.64 -16.83
CA ARG A 213 -16.97 -11.06 -18.16
C ARG A 213 -17.27 -12.10 -19.23
N LYS A 214 -16.55 -13.21 -19.21
CA LYS A 214 -16.76 -14.24 -20.21
C LYS A 214 -18.13 -14.92 -20.03
N LYS A 215 -18.60 -15.00 -18.79
CA LYS A 215 -19.89 -15.62 -18.51
C LYS A 215 -21.05 -14.79 -19.02
N PHE A 216 -20.95 -13.48 -18.91
CA PHE A 216 -22.03 -12.59 -19.32
C PHE A 216 -21.96 -11.93 -20.68
N TYR A 217 -20.77 -11.75 -21.22
CA TYR A 217 -20.70 -11.05 -22.49
C TYR A 217 -20.40 -11.87 -23.74
N ARG A 218 -21.21 -11.57 -24.76
CA ARG A 218 -21.20 -12.21 -26.07
C ARG A 218 -19.90 -12.05 -26.88
N LEU A 219 -19.46 -13.13 -27.50
CA LEU A 219 -18.26 -13.13 -28.33
C LEU A 219 -18.56 -12.53 -29.69
N MET B 1 18.46 0.51 24.24
CA MET B 1 17.41 -0.01 23.32
C MET B 1 17.21 -1.50 23.53
N LEU B 2 16.02 -1.97 23.17
CA LEU B 2 15.69 -3.37 23.28
C LEU B 2 16.12 -4.07 22.00
N ILE B 3 16.54 -5.33 22.12
CA ILE B 3 16.98 -6.10 20.96
C ILE B 3 15.97 -7.19 20.65
N ALA B 4 15.50 -7.21 19.41
CA ALA B 4 14.52 -8.20 18.98
C ALA B 4 15.05 -9.06 17.84
N VAL B 5 14.60 -10.31 17.80
CA VAL B 5 15.00 -11.22 16.74
C VAL B 5 13.75 -11.90 16.21
N PRO B 6 13.56 -11.86 14.88
CA PRO B 6 12.38 -12.50 14.27
C PRO B 6 12.59 -14.00 14.17
N LEU B 7 11.51 -14.75 14.31
CA LEU B 7 11.60 -16.20 14.22
C LEU B 7 10.35 -16.79 13.61
N ASP B 8 10.50 -17.83 12.82
CA ASP B 8 9.36 -18.52 12.25
C ASP B 8 9.15 -19.67 13.25
N ASP B 9 8.43 -20.70 12.87
CA ASP B 9 8.18 -21.80 13.80
C ASP B 9 9.09 -23.02 13.68
N THR B 10 10.11 -22.94 12.82
CA THR B 10 11.02 -24.07 12.64
C THR B 10 12.05 -24.14 13.76
N ASN B 11 12.24 -25.35 14.32
CA ASN B 11 13.17 -25.55 15.42
C ASN B 11 13.01 -24.41 16.41
N PHE B 12 11.76 -24.01 16.61
CA PHE B 12 11.42 -22.91 17.49
C PHE B 12 12.00 -22.96 18.90
N SER B 13 11.67 -24.02 19.64
CA SER B 13 12.15 -24.17 21.01
C SER B 13 13.65 -23.96 21.17
N GLU B 14 14.44 -24.53 20.27
CA GLU B 14 15.89 -24.39 20.36
C GLU B 14 16.35 -22.99 19.95
N ASN B 15 15.66 -22.39 18.97
CA ASN B 15 16.02 -21.05 18.52
C ASN B 15 15.70 -20.04 19.62
N LEU B 16 14.60 -20.29 20.32
CA LEU B 16 14.19 -19.42 21.41
C LEU B 16 15.25 -19.51 22.50
N LYS B 17 15.69 -20.74 22.79
CA LYS B 17 16.71 -20.97 23.81
C LYS B 17 17.98 -20.21 23.45
N LYS B 18 18.32 -20.20 22.17
CA LYS B 18 19.51 -19.51 21.70
C LYS B 18 19.33 -18.00 21.77
N ALA B 19 18.13 -17.53 21.44
CA ALA B 19 17.81 -16.11 21.49
C ALA B 19 17.97 -15.63 22.93
N LYS B 20 17.52 -16.45 23.88
CA LYS B 20 17.62 -16.10 25.29
C LYS B 20 19.07 -16.01 25.73
N GLU B 21 19.81 -17.10 25.54
CA GLU B 21 21.22 -17.16 25.93
C GLU B 21 22.06 -16.06 25.29
N LYS B 22 21.79 -15.76 24.02
CA LYS B 22 22.56 -14.75 23.31
C LYS B 22 22.22 -13.29 23.67
N GLY B 23 21.15 -13.09 24.44
CA GLY B 23 20.81 -11.74 24.87
C GLY B 23 19.62 -11.00 24.27
N ALA B 24 18.74 -11.71 23.58
CA ALA B 24 17.58 -11.05 22.98
C ALA B 24 16.63 -10.63 24.10
N ASP B 25 15.99 -9.47 23.93
CA ASP B 25 15.03 -9.00 24.93
C ASP B 25 13.65 -9.36 24.43
N ILE B 26 13.53 -9.40 23.10
CA ILE B 26 12.26 -9.68 22.46
C ILE B 26 12.37 -10.68 21.32
N VAL B 27 11.32 -11.49 21.15
CA VAL B 27 11.25 -12.43 20.03
C VAL B 27 10.05 -11.96 19.22
N GLU B 28 10.28 -11.69 17.94
CA GLU B 28 9.19 -11.28 17.09
C GLU B 28 8.67 -12.50 16.35
N LEU B 29 7.43 -12.88 16.61
CA LEU B 29 6.86 -14.03 15.94
C LEU B 29 6.34 -13.57 14.59
N ARG B 30 7.02 -13.99 13.52
CA ARG B 30 6.60 -13.63 12.17
C ARG B 30 5.63 -14.72 11.75
N VAL B 31 4.39 -14.58 12.19
CA VAL B 31 3.35 -15.56 11.89
C VAL B 31 3.12 -15.76 10.40
N ASP B 32 3.49 -14.77 9.60
CA ASP B 32 3.33 -14.88 8.15
C ASP B 32 4.29 -15.93 7.59
N GLN B 33 5.28 -16.31 8.38
CA GLN B 33 6.28 -17.29 7.97
C GLN B 33 6.04 -18.64 8.67
N PHE B 34 4.92 -18.74 9.38
CA PHE B 34 4.55 -19.96 10.09
C PHE B 34 3.86 -20.95 9.17
N SER B 35 4.14 -22.23 9.35
CA SER B 35 3.52 -23.28 8.54
C SER B 35 2.20 -23.69 9.18
N ASP B 36 1.88 -23.04 10.29
CA ASP B 36 0.64 -23.31 11.03
C ASP B 36 0.22 -21.99 11.68
N THR B 37 -1.01 -21.55 11.42
CA THR B 37 -1.48 -20.29 12.00
C THR B 37 -2.71 -20.43 12.88
N SER B 38 -2.99 -21.65 13.35
CA SER B 38 -4.14 -21.86 14.21
C SER B 38 -3.96 -21.04 15.47
N LEU B 39 -5.07 -20.59 16.05
CA LEU B 39 -5.01 -19.77 17.26
C LEU B 39 -4.24 -20.42 18.40
N ASN B 40 -4.31 -21.74 18.51
CA ASN B 40 -3.62 -22.41 19.60
C ASN B 40 -2.12 -22.53 19.36
N TYR B 41 -1.75 -22.88 18.13
CA TYR B 41 -0.35 -23.04 17.79
C TYR B 41 0.41 -21.74 18.07
N VAL B 42 -0.17 -20.61 17.63
CA VAL B 42 0.47 -19.32 17.84
C VAL B 42 0.44 -18.91 19.31
N LYS B 43 -0.68 -19.18 19.98
CA LYS B 43 -0.80 -18.84 21.38
C LYS B 43 0.30 -19.54 22.19
N GLU B 44 0.47 -20.84 21.99
CA GLU B 44 1.49 -21.60 22.70
C GLU B 44 2.90 -21.08 22.42
N LYS B 45 3.12 -20.57 21.22
CA LYS B 45 4.42 -20.03 20.85
C LYS B 45 4.66 -18.75 21.65
N LEU B 46 3.66 -17.90 21.74
CA LEU B 46 3.77 -16.65 22.50
C LEU B 46 4.04 -16.98 23.97
N GLU B 47 3.32 -17.98 24.48
CA GLU B 47 3.48 -18.40 25.87
C GLU B 47 4.85 -18.99 26.13
N GLU B 48 5.40 -19.70 25.14
CA GLU B 48 6.71 -20.32 25.31
C GLU B 48 7.79 -19.24 25.41
N VAL B 49 7.62 -18.15 24.67
CA VAL B 49 8.58 -17.06 24.72
C VAL B 49 8.54 -16.44 26.10
N HIS B 50 7.33 -16.20 26.59
CA HIS B 50 7.15 -15.61 27.92
C HIS B 50 7.70 -16.55 28.99
N SER B 51 7.58 -17.86 28.76
CA SER B 51 8.08 -18.84 29.72
C SER B 51 9.59 -18.73 29.89
N GLN B 52 10.25 -18.19 28.88
CA GLN B 52 11.70 -18.03 28.90
C GLN B 52 12.09 -16.64 29.39
N GLY B 53 11.08 -15.86 29.78
CA GLY B 53 11.33 -14.52 30.29
C GLY B 53 11.53 -13.41 29.28
N LEU B 54 11.18 -13.68 28.02
CA LEU B 54 11.33 -12.66 26.97
C LEU B 54 10.00 -12.07 26.56
N LYS B 55 10.03 -10.86 26.00
CA LYS B 55 8.81 -10.22 25.53
C LYS B 55 8.57 -10.62 24.09
N THR B 56 7.34 -10.40 23.62
CA THR B 56 6.97 -10.76 22.27
C THR B 56 6.42 -9.63 21.44
N ILE B 57 6.57 -9.76 20.13
CA ILE B 57 6.01 -8.83 19.15
C ILE B 57 5.21 -9.77 18.27
N LEU B 58 3.91 -9.53 18.18
CA LEU B 58 3.03 -10.34 17.34
C LEU B 58 2.94 -9.68 15.98
N THR B 59 3.56 -10.30 14.98
CA THR B 59 3.56 -9.78 13.62
C THR B 59 2.96 -10.80 12.65
N ILE B 60 2.08 -10.32 11.79
CA ILE B 60 1.45 -11.17 10.78
C ILE B 60 1.51 -10.30 9.54
N ARG B 61 2.73 -10.09 9.05
CA ARG B 61 2.98 -9.21 7.90
C ARG B 61 2.09 -9.42 6.68
N SER B 62 1.50 -8.33 6.20
CA SER B 62 0.65 -8.38 5.03
C SER B 62 1.54 -8.64 3.81
N PRO B 63 1.01 -9.30 2.79
CA PRO B 63 1.80 -9.60 1.58
C PRO B 63 2.39 -8.37 0.88
N GLU B 64 1.68 -7.25 0.91
CA GLU B 64 2.16 -6.03 0.26
C GLU B 64 3.41 -5.46 0.92
N GLU B 65 3.63 -5.78 2.19
CA GLU B 65 4.81 -5.27 2.87
C GLU B 65 5.80 -6.35 3.31
N GLY B 66 6.02 -7.31 2.43
CA GLY B 66 6.97 -8.38 2.71
C GLY B 66 6.48 -9.63 3.42
N GLY B 67 5.17 -9.74 3.62
CA GLY B 67 4.65 -10.92 4.29
C GLY B 67 3.90 -11.84 3.36
N ARG B 68 2.84 -12.46 3.89
CA ARG B 68 2.02 -13.37 3.13
C ARG B 68 0.61 -13.32 3.68
N GLU B 69 -0.37 -13.60 2.82
CA GLU B 69 -1.76 -13.59 3.25
C GLU B 69 -1.99 -14.68 4.29
N VAL B 70 -2.71 -14.34 5.35
CA VAL B 70 -3.04 -15.29 6.41
C VAL B 70 -4.54 -15.17 6.62
N LYS B 71 -5.27 -16.19 6.18
CA LYS B 71 -6.73 -16.23 6.28
C LYS B 71 -7.28 -15.75 7.61
N ASN B 72 -6.77 -16.30 8.71
CA ASN B 72 -7.26 -15.92 10.03
C ASN B 72 -6.41 -14.87 10.72
N ARG B 73 -5.76 -14.02 9.92
CA ARG B 73 -4.92 -12.96 10.45
C ARG B 73 -5.69 -12.09 11.46
N GLU B 74 -6.84 -11.56 11.03
CA GLU B 74 -7.63 -10.70 11.91
C GLU B 74 -8.05 -11.40 13.20
N GLU B 75 -8.37 -12.68 13.11
CA GLU B 75 -8.78 -13.46 14.27
C GLU B 75 -7.59 -13.61 15.22
N LEU B 76 -6.42 -13.84 14.66
CA LEU B 76 -5.21 -13.99 15.47
C LEU B 76 -4.97 -12.71 16.29
N PHE B 77 -5.12 -11.56 15.64
CA PHE B 77 -4.94 -10.29 16.32
C PHE B 77 -5.95 -10.11 17.46
N GLU B 78 -7.21 -10.38 17.15
CA GLU B 78 -8.29 -10.25 18.13
C GLU B 78 -8.01 -11.08 19.38
N GLU B 79 -7.61 -12.32 19.17
CA GLU B 79 -7.33 -13.25 20.26
C GLU B 79 -5.96 -13.16 20.92
N LEU B 80 -4.93 -12.87 20.13
CA LEU B 80 -3.58 -12.83 20.67
C LEU B 80 -2.97 -11.48 21.03
N SER B 81 -3.47 -10.39 20.45
CA SER B 81 -2.92 -9.07 20.77
C SER B 81 -3.00 -8.77 22.27
N PRO B 82 -4.07 -9.22 22.94
CA PRO B 82 -4.16 -8.94 24.38
C PRO B 82 -3.11 -9.73 25.17
N LEU B 83 -2.49 -10.70 24.52
CA LEU B 83 -1.50 -11.55 25.18
C LEU B 83 -0.05 -11.31 24.79
N SER B 84 0.18 -10.45 23.80
CA SER B 84 1.54 -10.17 23.36
C SER B 84 1.97 -8.79 23.87
N ASP B 85 3.23 -8.65 24.25
CA ASP B 85 3.72 -7.37 24.77
C ASP B 85 3.57 -6.28 23.72
N TYR B 86 3.81 -6.63 22.46
CA TYR B 86 3.67 -5.71 21.34
C TYR B 86 2.94 -6.41 20.21
N THR B 87 2.26 -5.63 19.39
CA THR B 87 1.59 -6.13 18.20
C THR B 87 2.03 -5.16 17.10
N ASP B 88 2.56 -5.70 16.01
CA ASP B 88 3.01 -4.88 14.90
C ASP B 88 1.99 -4.98 13.77
N ILE B 89 1.34 -3.87 13.44
CA ILE B 89 0.36 -3.85 12.37
C ILE B 89 0.85 -2.80 11.36
N GLU B 90 0.63 -3.04 10.07
CA GLU B 90 1.07 -2.10 9.06
C GLU B 90 0.16 -0.88 9.02
N LEU B 91 0.76 0.30 8.81
CA LEU B 91 -0.01 1.53 8.73
C LEU B 91 -0.99 1.40 7.55
N SER B 92 -0.56 0.64 6.54
CA SER B 92 -1.37 0.45 5.34
C SER B 92 -2.62 -0.40 5.57
N SER B 93 -2.68 -1.12 6.69
CA SER B 93 -3.85 -1.94 7.02
C SER B 93 -4.78 -1.08 7.87
N ARG B 94 -5.20 0.04 7.30
CA ARG B 94 -6.05 1.01 7.97
C ARG B 94 -7.27 0.46 8.69
N GLY B 95 -7.91 -0.55 8.11
CA GLY B 95 -9.09 -1.12 8.72
C GLY B 95 -8.92 -1.83 10.06
N LEU B 96 -7.67 -2.13 10.42
CA LEU B 96 -7.40 -2.82 11.69
C LEU B 96 -6.78 -1.92 12.75
N LEU B 97 -6.33 -0.73 12.35
CA LEU B 97 -5.67 0.19 13.28
C LEU B 97 -6.45 0.57 14.54
N VAL B 98 -7.62 1.19 14.37
CA VAL B 98 -8.42 1.59 15.53
C VAL B 98 -8.75 0.39 16.40
N LYS B 99 -9.11 -0.71 15.75
CA LYS B 99 -9.45 -1.96 16.41
C LYS B 99 -8.31 -2.49 17.27
N LEU B 100 -7.12 -2.62 16.67
CA LEU B 100 -5.96 -3.13 17.39
C LEU B 100 -5.48 -2.18 18.48
N TYR B 101 -5.72 -0.88 18.30
CA TYR B 101 -5.33 0.08 19.32
C TYR B 101 -6.19 -0.12 20.56
N ASN B 102 -7.50 -0.25 20.35
CA ASN B 102 -8.42 -0.45 21.47
C ASN B 102 -8.10 -1.73 22.23
N ILE B 103 -7.84 -2.80 21.48
CA ILE B 103 -7.52 -4.10 22.08
C ILE B 103 -6.25 -4.04 22.91
N THR B 104 -5.17 -3.53 22.33
CA THR B 104 -3.90 -3.44 23.04
C THR B 104 -3.99 -2.48 24.22
N LYS B 105 -4.59 -1.32 24.01
CA LYS B 105 -4.75 -0.32 25.06
C LYS B 105 -5.44 -0.91 26.29
N GLU B 106 -6.59 -1.54 26.06
CA GLU B 106 -7.35 -2.14 27.16
C GLU B 106 -6.58 -3.24 27.87
N ALA B 107 -5.73 -3.96 27.14
CA ALA B 107 -4.96 -5.04 27.71
C ALA B 107 -3.63 -4.58 28.30
N GLY B 108 -3.35 -3.28 28.19
CA GLY B 108 -2.12 -2.74 28.73
C GLY B 108 -0.90 -3.11 27.91
N LYS B 109 -1.11 -3.41 26.63
CA LYS B 109 -0.05 -3.78 25.72
C LYS B 109 0.31 -2.62 24.78
N LYS B 110 1.30 -2.84 23.92
CA LYS B 110 1.74 -1.79 22.99
C LYS B 110 1.51 -2.10 21.53
N LEU B 111 1.23 -1.06 20.76
CA LEU B 111 1.00 -1.22 19.33
C LEU B 111 2.10 -0.56 18.50
N ILE B 112 2.70 -1.34 17.62
CA ILE B 112 3.72 -0.81 16.72
C ILE B 112 3.00 -0.67 15.39
N ILE B 113 3.13 0.49 14.75
CA ILE B 113 2.49 0.71 13.47
C ILE B 113 3.62 0.91 12.48
N SER B 114 3.79 -0.06 11.61
CA SER B 114 4.90 -0.06 10.65
C SER B 114 4.66 0.31 9.20
N TYR B 115 5.76 0.66 8.55
CA TYR B 115 5.79 1.00 7.15
C TYR B 115 7.10 0.46 6.60
N HIS B 116 7.05 -0.30 5.52
CA HIS B 116 8.27 -0.84 4.94
C HIS B 116 8.40 -0.46 3.47
N ASN B 117 9.62 -0.17 3.05
CA ASN B 117 9.86 0.12 1.64
C ASN B 117 11.16 -0.61 1.32
N PHE B 118 11.03 -1.72 0.60
CA PHE B 118 12.16 -2.56 0.24
C PHE B 118 12.97 -2.07 -0.95
N GLU B 119 12.57 -0.93 -1.52
CA GLU B 119 13.28 -0.39 -2.67
C GLU B 119 14.09 0.87 -2.46
N LEU B 120 13.58 1.78 -1.64
CA LEU B 120 14.26 3.06 -1.42
C LEU B 120 13.81 3.77 -0.15
N THR B 121 14.49 4.87 0.16
CA THR B 121 14.15 5.69 1.31
C THR B 121 13.29 6.81 0.72
N PRO B 122 11.99 6.81 1.01
CA PRO B 122 11.08 7.83 0.48
C PRO B 122 11.39 9.26 0.90
N PRO B 123 10.83 10.24 0.15
CA PRO B 123 11.02 11.67 0.42
C PRO B 123 10.68 12.00 1.86
N ASN B 124 11.24 13.10 2.35
CA ASN B 124 11.03 13.50 3.73
C ASN B 124 9.58 13.62 4.16
N TRP B 125 8.71 14.18 3.32
CA TRP B 125 7.32 14.34 3.72
C TRP B 125 6.64 13.01 4.01
N ILE B 126 7.07 11.95 3.33
CA ILE B 126 6.51 10.61 3.55
C ILE B 126 7.03 10.08 4.88
N ILE B 127 8.31 10.28 5.15
CA ILE B 127 8.89 9.82 6.41
C ILE B 127 8.12 10.47 7.57
N ARG B 128 7.93 11.78 7.48
CA ARG B 128 7.22 12.50 8.53
C ARG B 128 5.75 12.10 8.66
N GLU B 129 5.09 11.84 7.52
CA GLU B 129 3.69 11.45 7.56
C GLU B 129 3.51 10.10 8.24
N VAL B 130 4.42 9.16 7.93
CA VAL B 130 4.34 7.83 8.53
C VAL B 130 4.47 7.96 10.04
N LEU B 131 5.40 8.79 10.49
CA LEU B 131 5.61 8.99 11.91
C LEU B 131 4.40 9.65 12.56
N ARG B 132 3.90 10.71 11.93
CA ARG B 132 2.74 11.40 12.49
C ARG B 132 1.49 10.54 12.53
N GLU B 133 1.26 9.74 11.50
CA GLU B 133 0.08 8.87 11.46
C GLU B 133 0.21 7.81 12.55
N GLY B 134 1.42 7.29 12.72
CA GLY B 134 1.63 6.29 13.76
C GLY B 134 1.22 6.82 15.12
N TYR B 135 1.61 8.06 15.42
CA TYR B 135 1.27 8.66 16.71
C TYR B 135 -0.21 8.98 16.79
N ARG B 136 -0.79 9.37 15.65
CA ARG B 136 -2.20 9.70 15.59
C ARG B 136 -3.08 8.48 15.89
N TYR B 137 -2.61 7.30 15.51
CA TYR B 137 -3.37 6.07 15.75
C TYR B 137 -2.98 5.43 17.08
N GLY B 138 -2.20 6.16 17.87
CA GLY B 138 -1.79 5.68 19.19
C GLY B 138 -0.74 4.58 19.27
N GLY B 139 0.11 4.45 18.26
CA GLY B 139 1.12 3.41 18.32
C GLY B 139 2.54 3.94 18.24
N ILE B 140 3.50 3.02 18.27
CA ILE B 140 4.91 3.36 18.15
C ILE B 140 5.20 3.22 16.67
N PRO B 141 5.42 4.36 15.98
CA PRO B 141 5.72 4.27 14.55
C PRO B 141 7.04 3.57 14.25
N LYS B 142 7.01 2.69 13.25
CA LYS B 142 8.20 1.95 12.83
C LYS B 142 8.39 2.16 11.34
N ILE B 143 9.59 2.57 10.94
CA ILE B 143 9.89 2.80 9.53
C ILE B 143 11.11 1.96 9.17
N ALA B 144 10.94 1.07 8.19
CA ALA B 144 12.04 0.22 7.73
C ALA B 144 12.14 0.43 6.22
N VAL B 145 13.18 1.15 5.80
CA VAL B 145 13.36 1.46 4.37
C VAL B 145 14.78 1.23 3.88
N LYS B 146 14.91 0.76 2.65
CA LYS B 146 16.21 0.48 2.07
C LYS B 146 16.98 1.75 1.73
N ALA B 147 18.22 1.82 2.22
CA ALA B 147 19.07 2.96 1.95
C ALA B 147 19.87 2.61 0.70
N ASN B 148 19.92 3.53 -0.24
CA ASN B 148 20.68 3.30 -1.47
C ASN B 148 21.94 4.15 -1.49
N SER B 149 22.26 4.72 -0.33
CA SER B 149 23.44 5.57 -0.13
C SER B 149 23.55 5.88 1.35
N TYR B 150 24.70 6.41 1.76
CA TYR B 150 24.87 6.76 3.17
C TYR B 150 23.99 7.97 3.47
N GLU B 151 23.81 8.82 2.46
CA GLU B 151 22.97 10.01 2.60
C GLU B 151 21.55 9.61 3.01
N ASP B 152 21.06 8.49 2.49
CA ASP B 152 19.72 8.01 2.81
C ASP B 152 19.59 7.65 4.29
N VAL B 153 20.69 7.16 4.87
CA VAL B 153 20.69 6.78 6.27
C VAL B 153 20.65 8.03 7.13
N ALA B 154 21.56 8.96 6.85
CA ALA B 154 21.61 10.22 7.60
C ALA B 154 20.27 10.93 7.53
N ARG B 155 19.67 10.94 6.34
CA ARG B 155 18.38 11.60 6.12
C ARG B 155 17.26 11.00 6.96
N LEU B 156 17.13 9.67 6.92
CA LEU B 156 16.09 9.01 7.70
C LEU B 156 16.23 9.35 9.17
N LEU B 157 17.44 9.27 9.70
CA LEU B 157 17.68 9.55 11.10
C LEU B 157 17.42 11.00 11.48
N CYS B 158 17.91 11.91 10.67
CA CYS B 158 17.73 13.34 10.94
C CYS B 158 16.29 13.83 10.80
N ILE B 159 15.60 13.37 9.77
CA ILE B 159 14.23 13.79 9.54
C ILE B 159 13.30 13.24 10.63
N SER B 160 13.63 12.09 11.18
CA SER B 160 12.80 11.49 12.21
C SER B 160 12.71 12.36 13.46
N ARG B 161 13.71 13.21 13.69
CA ARG B 161 13.72 14.08 14.86
C ARG B 161 12.67 15.19 14.76
N GLN B 162 12.17 15.44 13.56
CA GLN B 162 11.18 16.48 13.35
C GLN B 162 9.78 16.08 13.84
N VAL B 163 9.63 14.82 14.20
CA VAL B 163 8.37 14.31 14.73
C VAL B 163 8.77 13.62 16.04
N GLU B 164 8.62 14.36 17.14
CA GLU B 164 8.98 13.88 18.46
C GLU B 164 8.24 12.64 18.95
N GLY B 165 8.94 11.80 19.69
CA GLY B 165 8.34 10.60 20.24
C GLY B 165 9.19 9.36 20.05
N GLU B 166 8.93 8.33 20.82
CA GLU B 166 9.72 7.11 20.66
C GLU B 166 9.22 6.48 19.36
N LYS B 167 10.15 5.87 18.65
CA LYS B 167 9.83 5.27 17.36
C LYS B 167 10.82 4.15 17.12
N ILE B 168 10.74 3.55 15.94
CA ILE B 168 11.65 2.46 15.54
C ILE B 168 12.11 2.83 14.14
N LEU B 169 13.42 3.03 14.00
CA LEU B 169 13.98 3.43 12.71
C LEU B 169 14.97 2.40 12.20
N ILE B 170 14.79 1.99 10.96
CA ILE B 170 15.69 1.01 10.37
C ILE B 170 16.00 1.31 8.92
N SER B 171 17.28 1.49 8.61
CA SER B 171 17.70 1.71 7.22
C SER B 171 18.20 0.32 6.83
N MET B 172 17.46 -0.36 5.96
CA MET B 172 17.83 -1.71 5.53
C MET B 172 18.92 -1.66 4.46
N GLY B 173 19.61 -2.79 4.27
CA GLY B 173 20.66 -2.84 3.28
C GLY B 173 22.03 -2.61 3.86
N ASP B 174 23.08 -2.81 3.05
CA ASP B 174 24.43 -2.64 3.53
C ASP B 174 24.74 -1.22 4.00
N TYR B 175 24.22 -0.23 3.27
CA TYR B 175 24.44 1.16 3.64
C TYR B 175 23.89 1.51 5.01
N GLY B 176 22.72 0.96 5.33
CA GLY B 176 22.07 1.28 6.59
C GLY B 176 22.46 0.51 7.86
N LYS B 177 23.40 -0.42 7.75
CA LYS B 177 23.81 -1.22 8.90
C LYS B 177 24.03 -0.37 10.16
N ILE B 178 24.72 0.76 10.01
CA ILE B 178 25.00 1.62 11.14
C ILE B 178 23.73 2.13 11.85
N SER B 179 22.63 2.23 11.11
CA SER B 179 21.37 2.69 11.69
C SER B 179 20.85 1.73 12.75
N ARG B 180 21.25 0.47 12.67
CA ARG B 180 20.78 -0.52 13.63
C ARG B 180 21.40 -0.28 15.00
N LEU B 181 22.55 0.38 15.03
CA LEU B 181 23.22 0.68 16.28
C LEU B 181 23.00 2.14 16.69
N ALA B 182 23.13 3.04 15.73
CA ALA B 182 23.00 4.48 15.99
C ALA B 182 21.57 5.00 16.13
N GLY B 183 20.60 4.20 15.69
CA GLY B 183 19.21 4.61 15.78
C GLY B 183 18.79 5.05 17.18
N TYR B 184 19.34 4.39 18.20
CA TYR B 184 19.02 4.69 19.59
C TYR B 184 19.14 6.18 19.93
N VAL B 185 20.22 6.80 19.45
CA VAL B 185 20.49 8.21 19.71
C VAL B 185 19.42 9.11 19.09
N PHE B 186 18.72 8.56 18.08
CA PHE B 186 17.67 9.28 17.40
C PHE B 186 16.27 8.87 17.87
N GLY B 187 16.21 8.25 19.05
CA GLY B 187 14.92 7.84 19.59
C GLY B 187 14.39 6.47 19.19
N SER B 188 15.19 5.67 18.50
CA SER B 188 14.75 4.33 18.11
C SER B 188 14.85 3.45 19.35
N VAL B 189 13.73 2.84 19.75
CA VAL B 189 13.68 2.05 20.97
C VAL B 189 13.91 0.55 20.85
N ILE B 190 13.81 0.02 19.63
CA ILE B 190 14.02 -1.41 19.39
C ILE B 190 14.86 -1.59 18.13
N THR B 191 15.80 -2.52 18.18
CA THR B 191 16.63 -2.82 17.02
C THR B 191 16.41 -4.30 16.72
N TYR B 192 16.52 -4.68 15.46
CA TYR B 192 16.27 -6.07 15.05
C TYR B 192 17.53 -6.75 14.55
N CYS B 193 17.75 -7.96 15.03
CA CYS B 193 18.94 -8.72 14.66
C CYS B 193 18.58 -10.05 14.02
N SER B 194 19.61 -10.74 13.54
CA SER B 194 19.45 -12.07 12.96
C SER B 194 19.86 -12.97 14.12
N LEU B 195 19.32 -14.18 14.19
CA LEU B 195 19.68 -15.07 15.29
C LEU B 195 21.17 -15.38 15.31
N LYS B 197 24.36 -15.79 12.37
CA LYS B 197 25.02 -15.09 11.27
C LYS B 197 24.01 -14.39 10.38
N ALA B 198 24.42 -13.28 9.77
CA ALA B 198 23.54 -12.52 8.89
C ALA B 198 23.29 -13.29 7.60
N PHE B 199 22.03 -13.26 7.12
CA PHE B 199 21.67 -13.95 5.90
C PHE B 199 21.43 -12.96 4.76
N ALA B 200 21.27 -11.69 5.12
CA ALA B 200 21.03 -10.64 4.13
C ALA B 200 21.88 -9.41 4.44
N PRO B 201 22.18 -8.60 3.42
CA PRO B 201 22.99 -7.39 3.58
C PRO B 201 22.49 -6.45 4.68
N GLY B 202 23.40 -6.04 5.55
CA GLY B 202 23.04 -5.11 6.61
C GLY B 202 22.61 -5.70 7.94
N GLN B 203 22.29 -6.98 7.98
CA GLN B 203 21.86 -7.59 9.24
C GLN B 203 23.02 -7.71 10.21
N ILE B 204 22.69 -7.73 11.50
CA ILE B 204 23.68 -7.86 12.55
C ILE B 204 23.27 -8.98 13.49
N PRO B 205 24.19 -9.92 13.79
CA PRO B 205 23.88 -11.03 14.69
C PRO B 205 23.58 -10.57 16.12
N LEU B 206 22.64 -11.25 16.76
CA LEU B 206 22.24 -10.93 18.12
C LEU B 206 23.41 -10.77 19.09
N GLU B 207 24.33 -11.73 19.08
CA GLU B 207 25.48 -11.67 19.98
C GLU B 207 26.30 -10.41 19.79
N GLU B 208 26.50 -10.01 18.54
CA GLU B 208 27.27 -8.81 18.27
C GLU B 208 26.56 -7.54 18.73
N MET B 209 25.26 -7.45 18.51
CA MET B 209 24.52 -6.26 18.93
C MET B 209 24.52 -6.11 20.45
N VAL B 210 24.50 -7.24 21.16
CA VAL B 210 24.51 -7.19 22.62
C VAL B 210 25.79 -6.52 23.11
N GLU B 211 26.91 -6.92 22.52
CA GLU B 211 28.19 -6.35 22.92
C GLU B 211 28.31 -4.88 22.48
N LEU B 212 27.73 -4.55 21.32
CA LEU B 212 27.79 -3.18 20.82
C LEU B 212 26.95 -2.25 21.70
N ARG B 213 25.79 -2.73 22.13
CA ARG B 213 24.91 -1.94 22.99
C ARG B 213 25.62 -1.63 24.31
N LYS B 214 26.36 -2.60 24.82
CA LYS B 214 27.09 -2.42 26.07
C LYS B 214 28.23 -1.45 25.90
N LYS B 215 28.99 -1.61 24.81
CA LYS B 215 30.13 -0.75 24.52
C LYS B 215 29.78 0.71 24.28
N PHE B 216 28.69 0.95 23.57
CA PHE B 216 28.30 2.32 23.23
C PHE B 216 27.30 3.02 24.15
N TYR B 217 26.42 2.27 24.79
CA TYR B 217 25.41 2.88 25.63
C TYR B 217 25.36 2.31 27.05
N ARG B 218 26.25 1.38 27.37
CA ARG B 218 26.25 0.75 28.69
C ARG B 218 24.84 0.23 28.92
N LEU B 219 24.24 -0.20 27.82
CA LEU B 219 22.88 -0.76 27.73
C LEU B 219 21.71 0.22 27.76
O1 TLA C . -14.04 2.25 -8.15
O11 TLA C . -12.11 1.32 -8.64
C1 TLA C . -12.85 2.38 -8.32
C2 TLA C . -12.18 3.73 -8.15
O2 TLA C . -13.15 4.71 -7.81
C3 TLA C . -11.40 4.12 -9.43
O3 TLA C . -12.30 4.18 -10.52
C4 TLA C . -10.75 5.46 -9.23
O4 TLA C . -11.04 6.39 -9.95
O41 TLA C . -9.85 5.62 -8.25
O1 TLA D . 10.27 -5.06 9.50
O11 TLA D . 10.90 -7.09 8.93
C1 TLA D . 11.13 -5.89 9.49
C2 TLA D . 12.47 -5.57 10.09
O2 TLA D . 12.44 -4.25 10.60
C3 TLA D . 13.55 -5.66 8.99
O3 TLA D . 13.25 -4.81 7.89
C4 TLA D . 14.92 -5.33 9.53
O4 TLA D . 15.58 -4.47 9.06
O41 TLA D . 15.39 -6.04 10.56
#